data_1EJY
#
_entry.id   1EJY
#
_cell.length_a   78.901
_cell.length_b   89.828
_cell.length_c   99.903
_cell.angle_alpha   90.00
_cell.angle_beta   90.00
_cell.angle_gamma   90.00
#
_symmetry.space_group_name_H-M   'P 21 21 21'
#
loop_
_entity.id
_entity.type
_entity.pdbx_description
1 polymer 'NUCLEOPLASMIN NLS PEPTIDE'
2 polymer 'IMPORTIN ALPHA'
#
loop_
_entity_poly.entity_id
_entity_poly.type
_entity_poly.pdbx_seq_one_letter_code
_entity_poly.pdbx_strand_id
1 'polypeptide(L)' KRPAATKKAGQAKKKK N
2 'polypeptide(L)'
;NQGTVNWSVEDIVKGINSNNLESQLQATQAARKLLSREKQPPIDNIIRAGLIPKFVSFLGKTDCSPIQFESAWALTNIAS
GTSEQTKAVVDGGAIPAFISLLASPHAHISEQAVWALGNIAGDGSAFRDLVIKHGAIDPLLALLAVPDLSTLACGYLRNL
TWTLSNLCRNKNPAPPLDAVEQILPTLVRLLHHNDPEVLADSCWAISYLTDGPNERIEMVVKKGVVPQLVKLLGATELPI
VTPALRAIGNIVTGTDEQTQKVIDAGALAVFPSLLTNPKTNIQKEATWTMSNITAGRQDQIQQVVNHGLVPFLVGVLSKA
DFKTQKEAAWAITNYTSGGTVEQIVYLVHCGIIEPLMNLLSAKDTKIIQVILDAISNIFQAAEKLGETEKLSIMIEECGG
LDKIEALQRHENESVYKASLNLIEKYFSVEEEEDQNVVPETTSEGFAFQVQDGAPGTFNF
;
I
#
# COMPACT_ATOMS: atom_id res chain seq x y z
N LYS A 1 -12.47 10.94 -5.41
CA LYS A 1 -12.05 11.60 -6.68
C LYS A 1 -10.55 11.62 -6.86
N ARG A 2 -9.78 11.56 -5.78
CA ARG A 2 -8.33 11.59 -5.92
C ARG A 2 -7.49 10.76 -4.93
N PRO A 3 -6.58 9.92 -5.48
CA PRO A 3 -5.65 9.05 -4.74
C PRO A 3 -4.19 9.54 -4.86
N ALA A 4 -3.37 9.28 -3.85
CA ALA A 4 -1.97 9.70 -3.90
C ALA A 4 -0.97 8.55 -3.70
N ALA A 5 0.30 8.93 -3.45
CA ALA A 5 1.42 7.99 -3.23
C ALA A 5 1.32 7.24 -1.91
N THR A 6 2.46 6.92 -1.31
CA THR A 6 2.48 6.11 -0.06
C THR A 6 3.46 6.58 1.05
N LYS A 7 3.23 6.04 2.25
CA LYS A 7 4.10 6.25 3.43
C LYS A 7 4.80 4.99 2.94
N LYS A 8 6.11 5.04 2.64
CA LYS A 8 6.70 3.83 2.09
C LYS A 8 6.05 2.55 2.59
N ALA A 9 5.65 1.78 1.60
CA ALA A 9 5.10 0.45 1.79
C ALA A 9 6.36 -0.21 1.23
N GLY A 10 6.34 -1.52 1.02
CA GLY A 10 7.52 -2.10 0.41
C GLY A 10 8.83 -2.39 1.13
N GLN A 11 9.00 -3.68 1.32
CA GLN A 11 10.18 -4.28 1.89
C GLN A 11 10.29 -5.27 0.74
N ALA A 12 10.20 -4.70 -0.46
CA ALA A 12 10.26 -5.45 -1.71
C ALA A 12 11.15 -6.68 -1.54
N LYS A 13 12.37 -6.47 -1.06
CA LYS A 13 13.32 -7.56 -0.86
C LYS A 13 13.63 -7.85 0.61
N LYS A 14 13.95 -9.11 0.90
CA LYS A 14 14.28 -9.57 2.25
C LYS A 14 15.60 -10.32 2.21
N LYS A 15 16.46 -10.08 3.22
CA LYS A 15 17.77 -10.73 3.27
C LYS A 15 17.75 -12.04 4.05
N LYS A 16 18.75 -12.88 3.77
CA LYS A 16 18.99 -14.22 4.35
C LYS A 16 17.74 -15.06 4.58
N GLY B 3 34.66 -23.79 10.65
CA GLY B 3 34.85 -24.59 9.39
C GLY B 3 34.63 -23.78 8.12
N THR B 4 33.41 -23.28 7.96
CA THR B 4 33.04 -22.48 6.78
C THR B 4 32.64 -21.06 7.22
N VAL B 5 33.36 -20.53 8.21
CA VAL B 5 33.06 -19.19 8.71
C VAL B 5 34.20 -18.20 8.38
N ASN B 6 33.85 -17.05 7.80
CA ASN B 6 34.84 -16.02 7.48
C ASN B 6 35.77 -16.30 6.29
N TRP B 7 35.43 -17.23 5.40
CA TRP B 7 36.29 -17.50 4.24
C TRP B 7 36.51 -16.23 3.44
N SER B 8 37.63 -16.15 2.73
CA SER B 8 37.89 -14.99 1.92
C SER B 8 37.28 -15.30 0.55
N VAL B 9 36.82 -14.28 -0.16
CA VAL B 9 36.24 -14.50 -1.48
C VAL B 9 37.24 -15.29 -2.30
N GLU B 10 38.51 -15.05 -2.04
CA GLU B 10 39.58 -15.72 -2.75
C GLU B 10 39.44 -17.24 -2.57
N ASP B 11 39.31 -17.67 -1.32
CA ASP B 11 39.15 -19.08 -0.97
C ASP B 11 37.86 -19.62 -1.60
N ILE B 12 36.75 -18.97 -1.29
CA ILE B 12 35.45 -19.40 -1.81
C ILE B 12 35.56 -19.72 -3.29
N VAL B 13 36.35 -18.92 -4.00
CA VAL B 13 36.51 -19.15 -5.42
C VAL B 13 37.31 -20.44 -5.64
N LYS B 14 38.44 -20.53 -4.97
CA LYS B 14 39.32 -21.70 -5.06
C LYS B 14 38.51 -22.98 -4.98
N GLY B 15 37.61 -23.05 -3.98
CA GLY B 15 36.80 -24.23 -3.77
C GLY B 15 35.74 -24.49 -4.81
N ILE B 16 34.97 -23.45 -5.16
CA ILE B 16 33.91 -23.57 -6.16
C ILE B 16 34.47 -23.95 -7.53
N ASN B 17 35.74 -23.63 -7.75
CA ASN B 17 36.38 -23.94 -9.01
C ASN B 17 37.08 -25.27 -9.02
N SER B 18 37.27 -25.86 -7.82
CA SER B 18 37.92 -27.17 -7.71
C SER B 18 37.02 -28.20 -8.38
N ASN B 19 37.51 -29.41 -8.59
CA ASN B 19 36.67 -30.41 -9.24
C ASN B 19 36.12 -31.41 -8.23
N ASN B 20 35.99 -30.95 -6.98
CA ASN B 20 35.51 -31.78 -5.89
C ASN B 20 34.15 -31.26 -5.40
N LEU B 21 33.10 -32.04 -5.62
CA LEU B 21 31.75 -31.64 -5.21
C LEU B 21 31.70 -31.13 -3.79
N GLU B 22 32.34 -31.86 -2.88
CA GLU B 22 32.36 -31.49 -1.47
C GLU B 22 33.09 -30.15 -1.29
N SER B 23 34.29 -30.05 -1.87
CA SER B 23 35.05 -28.81 -1.76
C SER B 23 34.11 -27.67 -2.14
N GLN B 24 33.42 -27.85 -3.26
CA GLN B 24 32.47 -26.86 -3.75
C GLN B 24 31.34 -26.58 -2.78
N LEU B 25 30.71 -27.63 -2.26
CA LEU B 25 29.64 -27.45 -1.28
C LEU B 25 30.17 -26.70 -0.06
N GLN B 26 31.34 -27.09 0.44
CA GLN B 26 31.94 -26.44 1.58
C GLN B 26 32.12 -24.95 1.25
N ALA B 27 32.67 -24.67 0.06
CA ALA B 27 32.91 -23.29 -0.38
C ALA B 27 31.63 -22.51 -0.56
N THR B 28 30.57 -23.18 -1.02
CA THR B 28 29.29 -22.52 -1.22
C THR B 28 28.65 -22.18 0.11
N GLN B 29 28.77 -23.08 1.09
CA GLN B 29 28.20 -22.81 2.40
C GLN B 29 28.92 -21.59 2.96
N ALA B 30 30.23 -21.53 2.71
CA ALA B 30 31.06 -20.44 3.18
C ALA B 30 30.60 -19.12 2.54
N ALA B 31 30.31 -19.15 1.24
CA ALA B 31 29.85 -17.96 0.53
C ALA B 31 28.49 -17.55 1.07
N ARG B 32 27.65 -18.53 1.37
CA ARG B 32 26.34 -18.24 1.92
C ARG B 32 26.46 -17.44 3.20
N LYS B 33 27.31 -17.92 4.11
CA LYS B 33 27.47 -17.25 5.38
C LYS B 33 27.95 -15.82 5.22
N LEU B 34 28.86 -15.59 4.29
CA LEU B 34 29.34 -14.23 4.06
C LEU B 34 28.17 -13.33 3.74
N LEU B 35 27.33 -13.77 2.82
CA LEU B 35 26.17 -13.01 2.38
C LEU B 35 25.05 -12.94 3.40
N SER B 36 25.18 -13.65 4.51
CA SER B 36 24.16 -13.65 5.56
C SER B 36 24.49 -12.84 6.80
N ARG B 37 25.34 -11.84 6.68
CA ARG B 37 25.71 -10.99 7.82
C ARG B 37 25.09 -9.61 7.58
N GLU B 38 24.81 -8.85 8.64
CA GLU B 38 24.20 -7.53 8.46
C GLU B 38 25.31 -6.55 8.11
N LYS B 39 26.51 -6.85 8.61
CA LYS B 39 27.69 -6.03 8.35
C LYS B 39 27.95 -5.96 6.85
N GLN B 40 27.27 -5.03 6.19
CA GLN B 40 27.40 -4.81 4.75
C GLN B 40 28.13 -5.98 4.04
N PRO B 41 27.39 -7.05 3.72
CA PRO B 41 27.84 -8.29 3.04
C PRO B 41 28.36 -8.06 1.63
N PRO B 42 29.49 -8.65 1.28
CA PRO B 42 30.22 -8.60 0.02
C PRO B 42 29.46 -9.03 -1.25
N ILE B 43 28.24 -8.55 -1.44
CA ILE B 43 27.49 -8.93 -2.64
C ILE B 43 28.23 -8.61 -3.94
N ASP B 44 28.74 -7.40 -4.05
CA ASP B 44 29.45 -7.00 -5.27
C ASP B 44 30.72 -7.79 -5.54
N ASN B 45 31.49 -8.08 -4.50
CA ASN B 45 32.72 -8.84 -4.66
C ASN B 45 32.41 -10.24 -5.14
N ILE B 46 31.37 -10.84 -4.56
CA ILE B 46 30.94 -12.17 -4.94
C ILE B 46 30.46 -12.08 -6.39
N ILE B 47 29.70 -11.03 -6.70
CA ILE B 47 29.22 -10.89 -8.07
C ILE B 47 30.43 -10.69 -8.98
N ARG B 48 31.42 -9.93 -8.51
CA ARG B 48 32.62 -9.66 -9.29
C ARG B 48 33.49 -10.88 -9.53
N ALA B 49 33.52 -11.79 -8.55
CA ALA B 49 34.30 -13.02 -8.68
C ALA B 49 33.72 -13.89 -9.81
N GLY B 50 32.51 -13.56 -10.25
CA GLY B 50 31.86 -14.30 -11.30
C GLY B 50 31.31 -15.60 -10.76
N LEU B 51 30.75 -15.56 -9.56
CA LEU B 51 30.22 -16.76 -8.94
C LEU B 51 28.73 -17.08 -9.17
N ILE B 52 27.95 -16.11 -9.63
CA ILE B 52 26.52 -16.36 -9.84
C ILE B 52 26.20 -17.51 -10.81
N PRO B 53 26.86 -17.54 -11.98
CA PRO B 53 26.59 -18.62 -12.94
C PRO B 53 26.98 -19.97 -12.35
N LYS B 54 27.91 -19.94 -11.42
CA LYS B 54 28.36 -21.14 -10.76
C LYS B 54 27.25 -21.61 -9.82
N PHE B 55 26.78 -20.68 -8.98
CA PHE B 55 25.70 -20.99 -8.07
C PHE B 55 24.50 -21.46 -8.85
N VAL B 56 24.05 -20.65 -9.80
CA VAL B 56 22.89 -21.00 -10.61
C VAL B 56 23.02 -22.44 -11.09
N SER B 57 24.25 -22.85 -11.42
CA SER B 57 24.49 -24.22 -11.87
C SER B 57 24.24 -25.24 -10.75
N PHE B 58 24.69 -24.91 -9.54
CA PHE B 58 24.52 -25.80 -8.40
C PHE B 58 23.07 -26.03 -8.07
N LEU B 59 22.20 -25.16 -8.57
CA LEU B 59 20.77 -25.31 -8.31
C LEU B 59 20.29 -26.63 -8.90
N GLY B 60 20.80 -26.97 -10.08
CA GLY B 60 20.41 -28.22 -10.71
C GLY B 60 21.00 -29.50 -10.15
N LYS B 61 21.99 -29.43 -9.26
CA LYS B 61 22.60 -30.63 -8.68
C LYS B 61 21.60 -31.42 -7.85
N THR B 62 20.54 -31.90 -8.51
CA THR B 62 19.48 -32.67 -7.86
C THR B 62 20.05 -33.73 -6.92
N ASP B 63 21.14 -34.34 -7.36
CA ASP B 63 21.84 -35.39 -6.64
C ASP B 63 22.48 -34.92 -5.32
N CYS B 64 22.66 -33.62 -5.17
CA CYS B 64 23.27 -33.06 -3.98
C CYS B 64 22.42 -31.91 -3.41
N SER B 65 21.37 -32.27 -2.68
CA SER B 65 20.46 -31.26 -2.14
C SER B 65 21.12 -30.12 -1.36
N PRO B 66 22.08 -30.44 -0.49
CA PRO B 66 22.74 -29.37 0.29
C PRO B 66 23.28 -28.22 -0.55
N ILE B 67 23.96 -28.54 -1.66
CA ILE B 67 24.53 -27.51 -2.51
C ILE B 67 23.43 -26.72 -3.21
N GLN B 68 22.28 -27.37 -3.42
CA GLN B 68 21.14 -26.71 -4.05
C GLN B 68 20.72 -25.64 -3.04
N PHE B 69 20.50 -26.08 -1.81
CA PHE B 69 20.09 -25.21 -0.72
C PHE B 69 21.07 -24.06 -0.52
N GLU B 70 22.34 -24.41 -0.32
CA GLU B 70 23.37 -23.40 -0.10
C GLU B 70 23.44 -22.35 -1.20
N SER B 71 23.44 -22.79 -2.45
CA SER B 71 23.49 -21.84 -3.57
C SER B 71 22.18 -21.07 -3.65
N ALA B 72 21.08 -21.74 -3.32
CA ALA B 72 19.77 -21.12 -3.36
C ALA B 72 19.76 -19.97 -2.38
N TRP B 73 20.26 -20.22 -1.18
CA TRP B 73 20.30 -19.20 -0.16
C TRP B 73 21.27 -18.08 -0.57
N ALA B 74 22.40 -18.46 -1.16
CA ALA B 74 23.37 -17.45 -1.58
C ALA B 74 22.72 -16.57 -2.64
N LEU B 75 22.23 -17.20 -3.69
CA LEU B 75 21.58 -16.45 -4.75
C LEU B 75 20.48 -15.56 -4.17
N THR B 76 19.79 -16.05 -3.15
CA THR B 76 18.70 -15.30 -2.54
C THR B 76 19.13 -13.95 -1.95
N ASN B 77 20.24 -13.95 -1.22
CA ASN B 77 20.73 -12.72 -0.62
C ASN B 77 21.28 -11.75 -1.63
N ILE B 78 21.83 -12.26 -2.72
CA ILE B 78 22.35 -11.39 -3.76
C ILE B 78 21.18 -10.73 -4.46
N ALA B 79 20.11 -11.51 -4.67
CA ALA B 79 18.89 -11.03 -5.31
C ALA B 79 18.16 -10.06 -4.38
N SER B 80 18.52 -10.06 -3.10
CA SER B 80 17.88 -9.17 -2.14
C SER B 80 18.49 -7.77 -2.15
N GLY B 81 19.55 -7.61 -2.93
CA GLY B 81 20.24 -6.34 -3.01
C GLY B 81 19.64 -5.27 -3.89
N THR B 82 20.50 -4.56 -4.64
CA THR B 82 20.07 -3.51 -5.53
C THR B 82 19.48 -4.08 -6.81
N SER B 83 18.81 -3.25 -7.61
CA SER B 83 18.24 -3.72 -8.87
C SER B 83 19.35 -4.33 -9.71
N GLU B 84 20.54 -3.75 -9.60
CA GLU B 84 21.66 -4.25 -10.36
C GLU B 84 22.12 -5.61 -9.85
N GLN B 85 22.17 -5.77 -8.53
CA GLN B 85 22.59 -7.03 -7.94
C GLN B 85 21.57 -8.10 -8.32
N THR B 86 20.28 -7.74 -8.24
CA THR B 86 19.18 -8.65 -8.60
C THR B 86 19.26 -8.95 -10.09
N LYS B 87 19.66 -7.96 -10.87
CA LYS B 87 19.78 -8.14 -12.29
C LYS B 87 20.81 -9.23 -12.54
N ALA B 88 21.92 -9.18 -11.81
CA ALA B 88 23.00 -10.15 -11.93
C ALA B 88 22.47 -11.58 -11.84
N VAL B 89 21.68 -11.84 -10.80
CA VAL B 89 21.08 -13.13 -10.57
C VAL B 89 20.24 -13.51 -11.81
N VAL B 90 19.28 -12.67 -12.17
CA VAL B 90 18.44 -12.96 -13.33
C VAL B 90 19.27 -13.29 -14.58
N ASP B 91 20.26 -12.44 -14.88
CA ASP B 91 21.12 -12.65 -16.04
C ASP B 91 21.83 -13.99 -15.97
N GLY B 92 22.00 -14.51 -14.76
CA GLY B 92 22.67 -15.78 -14.58
C GLY B 92 21.86 -17.01 -14.97
N GLY B 93 20.58 -16.82 -15.30
CA GLY B 93 19.71 -17.91 -15.68
C GLY B 93 18.97 -18.52 -14.50
N ALA B 94 18.97 -17.83 -13.38
CA ALA B 94 18.35 -18.31 -12.15
C ALA B 94 16.84 -18.43 -12.14
N ILE B 95 16.11 -17.53 -12.80
CA ILE B 95 14.65 -17.58 -12.77
C ILE B 95 14.08 -18.96 -13.06
N PRO B 96 14.40 -19.55 -14.23
CA PRO B 96 13.85 -20.87 -14.51
C PRO B 96 14.33 -21.93 -13.51
N ALA B 97 15.58 -21.79 -13.07
CA ALA B 97 16.19 -22.72 -12.12
C ALA B 97 15.46 -22.76 -10.78
N PHE B 98 15.23 -21.58 -10.22
CA PHE B 98 14.54 -21.47 -8.95
C PHE B 98 13.11 -21.98 -9.11
N ILE B 99 12.54 -21.80 -10.29
CA ILE B 99 11.18 -22.27 -10.53
C ILE B 99 11.18 -23.79 -10.47
N SER B 100 12.28 -24.39 -10.91
CA SER B 100 12.36 -25.84 -10.87
C SER B 100 12.40 -26.32 -9.41
N LEU B 101 13.11 -25.59 -8.57
CA LEU B 101 13.22 -25.96 -7.18
C LEU B 101 11.94 -25.81 -6.38
N LEU B 102 10.93 -25.18 -6.94
CA LEU B 102 9.69 -25.05 -6.18
C LEU B 102 9.15 -26.43 -5.87
N ALA B 103 9.38 -27.36 -6.79
CA ALA B 103 8.90 -28.74 -6.64
C ALA B 103 9.84 -29.64 -5.82
N SER B 104 10.98 -29.09 -5.42
CA SER B 104 11.95 -29.85 -4.64
C SER B 104 11.32 -30.58 -3.46
N PRO B 105 11.65 -31.87 -3.31
CA PRO B 105 11.15 -32.71 -2.21
C PRO B 105 11.58 -32.16 -0.84
N HIS B 106 12.50 -31.21 -0.83
CA HIS B 106 12.98 -30.62 0.41
C HIS B 106 12.33 -29.27 0.64
N ALA B 107 11.35 -29.28 1.54
CA ALA B 107 10.60 -28.09 1.86
C ALA B 107 11.52 -26.91 2.12
N HIS B 108 12.68 -27.17 2.70
CA HIS B 108 13.56 -26.06 2.98
C HIS B 108 14.26 -25.52 1.74
N ILE B 109 14.31 -26.31 0.67
CA ILE B 109 14.94 -25.85 -0.56
C ILE B 109 13.92 -25.12 -1.42
N SER B 110 12.70 -25.64 -1.51
CA SER B 110 11.70 -24.96 -2.31
C SER B 110 11.32 -23.66 -1.63
N GLU B 111 11.39 -23.64 -0.31
CA GLU B 111 11.06 -22.42 0.43
C GLU B 111 12.06 -21.34 0.01
N GLN B 112 13.31 -21.75 -0.20
CA GLN B 112 14.34 -20.82 -0.63
C GLN B 112 14.05 -20.38 -2.05
N ALA B 113 13.50 -21.28 -2.85
CA ALA B 113 13.17 -20.94 -4.22
C ALA B 113 12.04 -19.91 -4.23
N VAL B 114 11.13 -20.03 -3.27
CA VAL B 114 9.99 -19.12 -3.12
C VAL B 114 10.49 -17.75 -2.67
N TRP B 115 11.43 -17.78 -1.74
CA TRP B 115 12.02 -16.57 -1.19
C TRP B 115 12.83 -15.82 -2.26
N ALA B 116 13.56 -16.58 -3.07
CA ALA B 116 14.38 -16.01 -4.13
C ALA B 116 13.54 -15.39 -5.24
N LEU B 117 12.51 -16.10 -5.68
CA LEU B 117 11.63 -15.58 -6.74
C LEU B 117 10.89 -14.38 -6.16
N GLY B 118 10.80 -14.34 -4.84
CA GLY B 118 10.14 -13.24 -4.17
C GLY B 118 10.99 -11.99 -4.35
N ASN B 119 12.29 -12.10 -4.03
CA ASN B 119 13.22 -10.98 -4.17
C ASN B 119 13.34 -10.50 -5.62
N ILE B 120 13.33 -11.44 -6.56
CA ILE B 120 13.43 -11.09 -7.96
C ILE B 120 12.21 -10.31 -8.44
N ALA B 121 11.03 -10.88 -8.25
CA ALA B 121 9.79 -10.23 -8.66
C ALA B 121 9.64 -8.89 -7.96
N GLY B 122 10.08 -8.82 -6.70
CA GLY B 122 9.97 -7.57 -5.98
C GLY B 122 10.74 -6.40 -6.59
N ASP B 123 11.67 -6.70 -7.49
CA ASP B 123 12.45 -5.65 -8.09
C ASP B 123 11.58 -4.71 -8.91
N GLY B 124 10.53 -5.22 -9.51
CA GLY B 124 9.68 -4.38 -10.32
C GLY B 124 8.90 -5.10 -11.38
N SER B 125 8.13 -4.34 -12.15
CA SER B 125 7.28 -4.86 -13.21
C SER B 125 7.95 -5.88 -14.10
N ALA B 126 9.04 -5.46 -14.71
CA ALA B 126 9.78 -6.30 -15.65
C ALA B 126 10.11 -7.69 -15.14
N PHE B 127 10.85 -7.76 -14.03
CA PHE B 127 11.21 -9.07 -13.51
C PHE B 127 9.96 -9.77 -12.98
N ARG B 128 8.98 -8.99 -12.53
CA ARG B 128 7.75 -9.55 -12.02
C ARG B 128 7.09 -10.31 -13.13
N ASP B 129 7.01 -9.68 -14.30
CA ASP B 129 6.38 -10.30 -15.43
C ASP B 129 7.23 -11.37 -16.06
N LEU B 130 8.55 -11.33 -15.84
CA LEU B 130 9.44 -12.36 -16.39
C LEU B 130 9.27 -13.64 -15.56
N VAL B 131 9.18 -13.46 -14.25
CA VAL B 131 8.97 -14.57 -13.35
C VAL B 131 7.64 -15.18 -13.79
N ILE B 132 6.65 -14.34 -14.03
CA ILE B 132 5.37 -14.83 -14.46
C ILE B 132 5.44 -15.56 -15.80
N LYS B 133 6.21 -15.06 -16.76
CA LYS B 133 6.32 -15.73 -18.05
C LYS B 133 6.99 -17.11 -17.96
N HIS B 134 7.90 -17.27 -17.01
CA HIS B 134 8.55 -18.56 -16.84
C HIS B 134 7.55 -19.49 -16.13
N GLY B 135 6.37 -18.96 -15.85
CA GLY B 135 5.32 -19.73 -15.20
C GLY B 135 5.59 -20.18 -13.79
N ALA B 136 5.71 -19.24 -12.87
CA ALA B 136 5.98 -19.58 -11.49
C ALA B 136 4.69 -19.63 -10.68
N ILE B 137 3.64 -18.97 -11.15
CA ILE B 137 2.37 -18.94 -10.43
C ILE B 137 1.76 -20.33 -10.14
N ASP B 138 1.74 -21.20 -11.15
CA ASP B 138 1.17 -22.54 -10.96
C ASP B 138 1.92 -23.32 -9.89
N PRO B 139 3.27 -23.42 -10.02
CA PRO B 139 4.10 -24.12 -9.05
C PRO B 139 3.89 -23.54 -7.66
N LEU B 140 3.88 -22.21 -7.58
CA LEU B 140 3.67 -21.52 -6.31
C LEU B 140 2.30 -21.89 -5.75
N LEU B 141 1.26 -21.50 -6.48
CA LEU B 141 -0.10 -21.77 -6.04
C LEU B 141 -0.28 -23.23 -5.67
N ALA B 142 0.44 -24.11 -6.34
CA ALA B 142 0.35 -25.55 -6.08
C ALA B 142 0.80 -25.86 -4.66
N LEU B 143 1.77 -25.11 -4.16
CA LEU B 143 2.31 -25.32 -2.81
C LEU B 143 1.30 -24.98 -1.71
N LEU B 144 0.23 -24.28 -2.07
CA LEU B 144 -0.78 -23.89 -1.11
C LEU B 144 -2.05 -24.70 -1.33
N ALA B 145 -1.96 -25.72 -2.18
CA ALA B 145 -3.11 -26.56 -2.50
C ALA B 145 -3.35 -27.63 -1.46
N VAL B 146 -3.68 -27.21 -0.24
CA VAL B 146 -3.97 -28.13 0.85
C VAL B 146 -5.34 -27.83 1.44
N PRO B 147 -5.92 -28.80 2.15
CA PRO B 147 -7.23 -28.59 2.75
C PRO B 147 -7.24 -27.55 3.86
N ASP B 148 -6.23 -27.59 4.72
CA ASP B 148 -6.13 -26.65 5.82
C ASP B 148 -4.76 -26.01 5.80
N LEU B 149 -4.73 -24.68 5.68
CA LEU B 149 -3.45 -23.98 5.64
C LEU B 149 -2.62 -24.13 6.92
N SER B 150 -3.30 -24.32 8.05
CA SER B 150 -2.66 -24.48 9.34
C SER B 150 -1.65 -25.60 9.43
N THR B 151 -1.78 -26.59 8.54
CA THR B 151 -0.89 -27.74 8.50
C THR B 151 0.47 -27.41 7.90
N LEU B 152 0.55 -26.31 7.18
CA LEU B 152 1.81 -25.91 6.58
C LEU B 152 2.64 -25.21 7.64
N ALA B 153 3.95 -25.20 7.40
CA ALA B 153 4.91 -24.57 8.30
C ALA B 153 4.64 -23.07 8.37
N CYS B 154 4.53 -22.56 9.58
CA CYS B 154 4.25 -21.15 9.78
C CYS B 154 5.11 -20.23 8.93
N GLY B 155 6.41 -20.49 8.89
CA GLY B 155 7.29 -19.63 8.10
C GLY B 155 7.22 -19.89 6.61
N TYR B 156 6.97 -21.15 6.25
CA TYR B 156 6.87 -21.55 4.85
C TYR B 156 5.71 -20.80 4.22
N LEU B 157 4.62 -20.71 4.97
CA LEU B 157 3.40 -20.04 4.51
C LEU B 157 3.54 -18.55 4.42
N ARG B 158 4.36 -17.97 5.27
CA ARG B 158 4.58 -16.54 5.21
C ARG B 158 5.40 -16.16 3.98
N ASN B 159 6.38 -16.99 3.59
CA ASN B 159 7.18 -16.67 2.42
C ASN B 159 6.36 -16.73 1.14
N LEU B 160 5.48 -17.72 1.05
CA LEU B 160 4.63 -17.88 -0.11
C LEU B 160 3.71 -16.69 -0.21
N THR B 161 3.05 -16.35 0.90
CA THR B 161 2.14 -15.20 0.92
C THR B 161 2.90 -13.94 0.50
N TRP B 162 4.12 -13.76 0.98
CA TRP B 162 4.92 -12.60 0.64
C TRP B 162 5.30 -12.60 -0.83
N THR B 163 5.76 -13.74 -1.33
CA THR B 163 6.13 -13.78 -2.73
C THR B 163 4.91 -13.50 -3.62
N LEU B 164 3.75 -14.06 -3.30
CA LEU B 164 2.57 -13.78 -4.12
C LEU B 164 2.29 -12.29 -4.05
N SER B 165 2.47 -11.74 -2.86
CA SER B 165 2.27 -10.32 -2.61
C SER B 165 3.05 -9.49 -3.64
N ASN B 166 4.30 -9.86 -3.93
CA ASN B 166 5.12 -9.13 -4.91
C ASN B 166 4.71 -9.34 -6.36
N LEU B 167 4.03 -10.46 -6.64
CA LEU B 167 3.58 -10.76 -7.98
C LEU B 167 2.37 -9.89 -8.27
N CYS B 168 1.86 -9.26 -7.21
CA CYS B 168 0.72 -8.36 -7.33
C CYS B 168 1.22 -6.92 -7.27
N ARG B 169 2.35 -6.74 -6.59
CA ARG B 169 2.94 -5.43 -6.40
C ARG B 169 3.37 -4.74 -7.67
N ASN B 170 3.48 -3.42 -7.60
CA ASN B 170 3.89 -2.59 -8.71
C ASN B 170 2.83 -2.37 -9.75
N LYS B 171 3.04 -1.29 -10.50
CA LYS B 171 2.17 -0.90 -11.60
C LYS B 171 3.02 -0.22 -12.68
N ASN B 172 2.38 0.18 -13.77
CA ASN B 172 3.12 0.80 -14.86
C ASN B 172 4.18 -0.18 -15.36
N PRO B 173 3.74 -1.34 -15.88
CA PRO B 173 2.35 -1.74 -16.00
C PRO B 173 1.88 -2.52 -14.77
N ALA B 174 0.57 -2.68 -14.63
CA ALA B 174 0.04 -3.43 -13.50
C ALA B 174 0.19 -4.90 -13.87
N PRO B 175 0.23 -5.78 -12.87
CA PRO B 175 0.38 -7.22 -13.12
C PRO B 175 -0.58 -7.68 -14.21
N PRO B 176 -0.25 -8.77 -14.91
CA PRO B 176 -1.14 -9.26 -15.97
C PRO B 176 -2.51 -9.69 -15.44
N LEU B 177 -3.57 -9.29 -16.13
CA LEU B 177 -4.91 -9.62 -15.69
C LEU B 177 -5.17 -11.08 -15.38
N ASP B 178 -4.78 -11.98 -16.28
CA ASP B 178 -5.01 -13.39 -16.06
C ASP B 178 -4.18 -13.93 -14.92
N ALA B 179 -3.11 -13.22 -14.59
CA ALA B 179 -2.24 -13.62 -13.49
C ALA B 179 -2.96 -13.26 -12.19
N VAL B 180 -3.61 -12.09 -12.19
CA VAL B 180 -4.33 -11.62 -11.02
C VAL B 180 -5.55 -12.49 -10.74
N GLU B 181 -6.26 -12.85 -11.79
CA GLU B 181 -7.44 -13.70 -11.67
C GLU B 181 -7.05 -15.08 -11.16
N GLN B 182 -5.91 -15.55 -11.63
CA GLN B 182 -5.38 -16.86 -11.27
C GLN B 182 -5.00 -16.87 -9.80
N ILE B 183 -4.38 -15.78 -9.37
CA ILE B 183 -3.92 -15.63 -7.99
C ILE B 183 -5.00 -15.26 -6.98
N LEU B 184 -5.95 -14.40 -7.35
CA LEU B 184 -7.00 -13.96 -6.42
C LEU B 184 -7.67 -15.04 -5.55
N PRO B 185 -8.11 -16.15 -6.16
CA PRO B 185 -8.76 -17.23 -5.41
C PRO B 185 -7.95 -17.65 -4.18
N THR B 186 -6.65 -17.86 -4.40
CA THR B 186 -5.74 -18.28 -3.35
C THR B 186 -5.52 -17.14 -2.37
N LEU B 187 -5.41 -15.94 -2.91
CA LEU B 187 -5.20 -14.79 -2.05
C LEU B 187 -6.37 -14.68 -1.07
N VAL B 188 -7.60 -14.81 -1.57
CA VAL B 188 -8.78 -14.71 -0.70
C VAL B 188 -8.71 -15.74 0.43
N ARG B 189 -8.26 -16.95 0.13
CA ARG B 189 -8.18 -17.97 1.16
C ARG B 189 -7.13 -17.59 2.20
N LEU B 190 -6.15 -16.77 1.82
CA LEU B 190 -5.09 -16.37 2.75
C LEU B 190 -5.54 -15.21 3.64
N LEU B 191 -6.45 -14.38 3.15
CA LEU B 191 -6.96 -13.24 3.89
C LEU B 191 -7.90 -13.75 5.00
N HIS B 192 -7.99 -15.07 5.13
CA HIS B 192 -8.82 -15.69 6.15
C HIS B 192 -7.99 -16.55 7.10
N HIS B 193 -6.69 -16.56 6.91
CA HIS B 193 -5.80 -17.35 7.78
C HIS B 193 -5.59 -16.64 9.13
N ASN B 194 -5.31 -17.42 10.17
CA ASN B 194 -5.14 -16.89 11.52
C ASN B 194 -3.81 -16.22 11.84
N ASP B 195 -2.78 -16.44 11.03
CA ASP B 195 -1.49 -15.81 11.30
C ASP B 195 -1.53 -14.31 11.00
N PRO B 196 -1.21 -13.48 11.99
CA PRO B 196 -1.25 -12.04 11.72
C PRO B 196 -0.30 -11.60 10.60
N GLU B 197 0.76 -12.36 10.36
CA GLU B 197 1.70 -11.95 9.33
C GLU B 197 1.19 -12.29 7.95
N VAL B 198 0.52 -13.42 7.83
CA VAL B 198 -0.04 -13.82 6.55
C VAL B 198 -1.12 -12.80 6.23
N LEU B 199 -1.88 -12.41 7.25
CA LEU B 199 -2.96 -11.45 7.07
C LEU B 199 -2.44 -10.11 6.58
N ALA B 200 -1.35 -9.62 7.16
CA ALA B 200 -0.79 -8.34 6.73
C ALA B 200 -0.34 -8.38 5.27
N ASP B 201 0.51 -9.34 4.91
CA ASP B 201 0.97 -9.44 3.53
C ASP B 201 -0.18 -9.67 2.58
N SER B 202 -1.24 -10.33 3.04
CA SER B 202 -2.40 -10.59 2.19
C SER B 202 -3.09 -9.27 1.84
N CYS B 203 -3.22 -8.41 2.84
CA CYS B 203 -3.83 -7.10 2.67
C CYS B 203 -2.96 -6.27 1.76
N TRP B 204 -1.65 -6.36 1.92
CA TRP B 204 -0.77 -5.59 1.04
C TRP B 204 -1.03 -6.04 -0.40
N ALA B 205 -1.16 -7.35 -0.58
CA ALA B 205 -1.44 -7.93 -1.91
C ALA B 205 -2.72 -7.32 -2.45
N ILE B 206 -3.79 -7.36 -1.65
CA ILE B 206 -5.07 -6.81 -2.08
C ILE B 206 -5.00 -5.29 -2.26
N SER B 207 -4.23 -4.60 -1.42
CA SER B 207 -4.12 -3.15 -1.55
C SER B 207 -3.47 -2.85 -2.89
N TYR B 208 -2.45 -3.62 -3.24
CA TYR B 208 -1.79 -3.42 -4.51
C TYR B 208 -2.85 -3.57 -5.59
N LEU B 209 -3.37 -4.79 -5.77
CA LEU B 209 -4.39 -5.05 -6.79
C LEU B 209 -5.50 -3.99 -6.88
N THR B 210 -5.87 -3.38 -5.77
CA THR B 210 -6.91 -2.37 -5.82
C THR B 210 -6.41 -0.97 -6.18
N ASP B 211 -5.10 -0.83 -6.38
CA ASP B 211 -4.51 0.46 -6.75
C ASP B 211 -4.41 0.64 -8.27
N GLY B 212 -5.51 1.04 -8.90
CA GLY B 212 -5.53 1.24 -10.35
C GLY B 212 -6.93 1.47 -10.92
N PRO B 213 -7.11 1.36 -12.25
CA PRO B 213 -8.40 1.55 -12.91
C PRO B 213 -9.53 0.77 -12.24
N ASN B 214 -10.74 1.29 -12.32
CA ASN B 214 -11.89 0.65 -11.67
C ASN B 214 -12.15 -0.80 -12.02
N GLU B 215 -11.69 -1.24 -13.21
CA GLU B 215 -11.89 -2.62 -13.64
C GLU B 215 -11.09 -3.53 -12.71
N ARG B 216 -9.95 -3.00 -12.26
CA ARG B 216 -9.05 -3.70 -11.36
C ARG B 216 -9.70 -3.87 -9.99
N ILE B 217 -10.14 -2.74 -9.42
CA ILE B 217 -10.78 -2.73 -8.13
C ILE B 217 -11.95 -3.72 -8.16
N GLU B 218 -12.60 -3.79 -9.32
CA GLU B 218 -13.75 -4.64 -9.51
C GLU B 218 -13.47 -6.13 -9.40
N MET B 219 -12.42 -6.60 -10.06
CA MET B 219 -12.14 -8.01 -10.00
C MET B 219 -11.82 -8.44 -8.57
N VAL B 220 -11.41 -7.47 -7.76
CA VAL B 220 -11.09 -7.73 -6.36
C VAL B 220 -12.38 -7.67 -5.57
N VAL B 221 -13.13 -6.58 -5.73
CA VAL B 221 -14.39 -6.44 -5.01
C VAL B 221 -15.33 -7.58 -5.36
N LYS B 222 -15.26 -8.03 -6.62
CA LYS B 222 -16.09 -9.11 -7.14
C LYS B 222 -15.90 -10.44 -6.42
N LYS B 223 -14.80 -10.57 -5.69
CA LYS B 223 -14.48 -11.79 -4.92
C LYS B 223 -15.07 -11.73 -3.52
N GLY B 224 -15.76 -10.63 -3.24
CA GLY B 224 -16.42 -10.41 -1.95
C GLY B 224 -15.52 -10.33 -0.73
N VAL B 225 -14.34 -9.74 -0.90
CA VAL B 225 -13.39 -9.63 0.20
C VAL B 225 -13.63 -8.41 1.10
N VAL B 226 -14.32 -7.42 0.56
CA VAL B 226 -14.60 -6.18 1.29
C VAL B 226 -14.97 -6.42 2.76
N PRO B 227 -16.01 -7.20 3.02
CA PRO B 227 -16.37 -7.44 4.41
C PRO B 227 -15.16 -7.93 5.20
N GLN B 228 -14.47 -8.95 4.69
CA GLN B 228 -13.30 -9.50 5.35
C GLN B 228 -12.27 -8.41 5.63
N LEU B 229 -12.22 -7.41 4.76
CA LEU B 229 -11.30 -6.30 4.93
C LEU B 229 -11.75 -5.37 6.05
N VAL B 230 -13.01 -4.97 6.01
CA VAL B 230 -13.57 -4.09 7.02
C VAL B 230 -13.30 -4.70 8.39
N LYS B 231 -13.38 -6.02 8.44
CA LYS B 231 -13.12 -6.73 9.69
C LYS B 231 -11.66 -6.53 10.04
N LEU B 232 -10.78 -6.90 9.12
CA LEU B 232 -9.35 -6.73 9.38
C LEU B 232 -9.05 -5.26 9.70
N LEU B 233 -9.92 -4.36 9.28
CA LEU B 233 -9.72 -2.93 9.50
C LEU B 233 -9.87 -2.61 10.99
N GLY B 234 -10.51 -3.52 11.71
CA GLY B 234 -10.67 -3.29 13.13
C GLY B 234 -9.62 -4.00 13.95
N ALA B 235 -8.67 -4.67 13.29
CA ALA B 235 -7.61 -5.41 13.96
C ALA B 235 -6.83 -4.58 14.98
N THR B 236 -6.12 -5.27 15.87
CA THR B 236 -5.32 -4.61 16.89
C THR B 236 -3.94 -4.31 16.32
N GLU B 237 -3.34 -5.32 15.72
CA GLU B 237 -2.00 -5.22 15.14
C GLU B 237 -1.96 -4.20 14.00
N LEU B 238 -1.26 -3.09 14.23
CA LEU B 238 -1.13 -2.04 13.24
C LEU B 238 -0.66 -2.57 11.87
N PRO B 239 0.28 -3.54 11.87
CA PRO B 239 0.80 -4.13 10.63
C PRO B 239 -0.28 -4.73 9.72
N ILE B 240 -1.45 -5.00 10.29
CA ILE B 240 -2.60 -5.53 9.55
C ILE B 240 -3.52 -4.38 9.19
N VAL B 241 -3.79 -3.53 10.16
CA VAL B 241 -4.68 -2.39 9.96
C VAL B 241 -4.16 -1.42 8.91
N THR B 242 -2.85 -1.19 8.89
CA THR B 242 -2.32 -0.28 7.91
C THR B 242 -2.67 -0.72 6.49
N PRO B 243 -2.25 -1.94 6.09
CA PRO B 243 -2.57 -2.40 4.73
C PRO B 243 -4.05 -2.59 4.43
N ALA B 244 -4.84 -2.92 5.46
CA ALA B 244 -6.28 -3.13 5.28
C ALA B 244 -7.00 -1.82 4.98
N LEU B 245 -6.57 -0.76 5.65
CA LEU B 245 -7.15 0.57 5.47
C LEU B 245 -6.78 1.11 4.11
N ARG B 246 -5.61 0.70 3.64
CA ARG B 246 -5.11 1.14 2.35
C ARG B 246 -5.96 0.54 1.24
N ALA B 247 -6.30 -0.74 1.37
CA ALA B 247 -7.13 -1.42 0.38
C ALA B 247 -8.51 -0.80 0.35
N ILE B 248 -9.12 -0.63 1.52
CA ILE B 248 -10.44 -0.01 1.60
C ILE B 248 -10.36 1.39 0.97
N GLY B 249 -9.29 2.12 1.31
CA GLY B 249 -9.11 3.46 0.79
C GLY B 249 -9.09 3.48 -0.73
N ASN B 250 -8.47 2.47 -1.34
CA ASN B 250 -8.40 2.37 -2.79
C ASN B 250 -9.78 2.06 -3.39
N ILE B 251 -10.41 1.01 -2.87
CA ILE B 251 -11.72 0.61 -3.32
C ILE B 251 -12.71 1.77 -3.43
N VAL B 252 -12.65 2.74 -2.51
CA VAL B 252 -13.58 3.87 -2.57
C VAL B 252 -13.16 4.97 -3.52
N THR B 253 -12.12 4.72 -4.30
CA THR B 253 -11.68 5.70 -5.29
C THR B 253 -12.32 5.27 -6.61
N GLY B 254 -13.12 4.20 -6.56
CA GLY B 254 -13.78 3.68 -7.75
C GLY B 254 -15.22 4.14 -7.91
N THR B 255 -16.05 3.32 -8.55
CA THR B 255 -17.45 3.70 -8.77
C THR B 255 -18.18 3.76 -7.44
N ASP B 256 -19.29 4.49 -7.43
CA ASP B 256 -20.10 4.63 -6.24
C ASP B 256 -20.66 3.30 -5.78
N GLU B 257 -20.77 2.35 -6.71
CA GLU B 257 -21.28 1.02 -6.40
C GLU B 257 -20.24 0.25 -5.60
N GLN B 258 -18.98 0.42 -6.00
CA GLN B 258 -17.88 -0.24 -5.31
C GLN B 258 -17.77 0.40 -3.92
N THR B 259 -17.75 1.73 -3.89
CA THR B 259 -17.68 2.45 -2.62
C THR B 259 -18.78 1.94 -1.68
N GLN B 260 -20.00 1.91 -2.19
CA GLN B 260 -21.13 1.43 -1.40
C GLN B 260 -20.84 0.12 -0.71
N LYS B 261 -20.05 -0.73 -1.36
CA LYS B 261 -19.69 -2.04 -0.81
C LYS B 261 -19.06 -1.96 0.58
N VAL B 262 -18.11 -1.03 0.77
CA VAL B 262 -17.45 -0.86 2.06
C VAL B 262 -18.43 -0.27 3.08
N ILE B 263 -19.29 0.62 2.59
CA ILE B 263 -20.28 1.23 3.45
C ILE B 263 -21.18 0.10 3.98
N ASP B 264 -21.58 -0.80 3.09
CA ASP B 264 -22.42 -1.91 3.48
C ASP B 264 -21.65 -2.87 4.36
N ALA B 265 -20.37 -3.04 4.02
CA ALA B 265 -19.50 -3.94 4.77
C ALA B 265 -19.43 -3.58 6.24
N GLY B 266 -19.60 -2.30 6.57
CA GLY B 266 -19.55 -1.86 7.95
C GLY B 266 -18.43 -0.87 8.19
N ALA B 267 -17.63 -0.64 7.15
CA ALA B 267 -16.50 0.27 7.22
C ALA B 267 -16.75 1.46 8.12
N LEU B 268 -17.60 2.38 7.67
CA LEU B 268 -17.90 3.60 8.40
C LEU B 268 -17.91 3.53 9.92
N ALA B 269 -18.30 2.39 10.48
CA ALA B 269 -18.35 2.24 11.93
C ALA B 269 -16.98 2.17 12.60
N VAL B 270 -15.94 1.95 11.82
CA VAL B 270 -14.59 1.85 12.36
C VAL B 270 -13.82 3.17 12.32
N PHE B 271 -14.38 4.19 11.68
CA PHE B 271 -13.68 5.46 11.54
C PHE B 271 -13.56 6.37 12.75
N PRO B 272 -14.51 6.30 13.68
CA PRO B 272 -14.41 7.17 14.85
C PRO B 272 -13.07 6.87 15.52
N SER B 273 -12.67 5.62 15.44
CA SER B 273 -11.42 5.16 16.01
C SER B 273 -10.25 5.51 15.10
N LEU B 274 -10.41 5.22 13.81
CA LEU B 274 -9.40 5.50 12.79
C LEU B 274 -9.09 6.98 12.66
N LEU B 275 -10.11 7.83 12.81
CA LEU B 275 -9.94 9.27 12.69
C LEU B 275 -9.38 9.93 13.93
N THR B 276 -9.18 9.15 15.00
CA THR B 276 -8.58 9.64 16.24
C THR B 276 -7.40 8.76 16.59
N ASN B 277 -6.98 7.96 15.63
CA ASN B 277 -5.87 7.04 15.79
C ASN B 277 -4.55 7.74 16.15
N PRO B 278 -3.79 7.17 17.09
CA PRO B 278 -2.50 7.70 17.56
C PRO B 278 -1.43 7.76 16.47
N LYS B 279 -1.48 6.83 15.52
CA LYS B 279 -0.52 6.79 14.43
C LYS B 279 -0.99 7.75 13.33
N THR B 280 -0.27 8.85 13.12
CA THR B 280 -0.70 9.82 12.12
C THR B 280 -1.06 9.25 10.77
N ASN B 281 -0.25 8.34 10.25
CA ASN B 281 -0.54 7.79 8.93
C ASN B 281 -1.87 7.05 8.86
N ILE B 282 -2.26 6.40 9.94
CA ILE B 282 -3.55 5.71 9.93
C ILE B 282 -4.62 6.78 9.80
N GLN B 283 -4.36 7.92 10.43
CA GLN B 283 -5.27 9.07 10.39
C GLN B 283 -5.26 9.68 9.00
N LYS B 284 -4.06 9.99 8.52
CA LYS B 284 -3.90 10.59 7.20
C LYS B 284 -4.69 9.78 6.18
N GLU B 285 -4.52 8.46 6.22
CA GLU B 285 -5.20 7.57 5.29
C GLU B 285 -6.69 7.37 5.55
N ALA B 286 -7.09 7.53 6.81
CA ALA B 286 -8.49 7.37 7.17
C ALA B 286 -9.26 8.61 6.72
N THR B 287 -8.60 9.76 6.81
CA THR B 287 -9.22 11.02 6.42
C THR B 287 -9.32 11.07 4.90
N TRP B 288 -8.28 10.64 4.23
CA TRP B 288 -8.25 10.59 2.76
C TRP B 288 -9.40 9.70 2.32
N THR B 289 -9.55 8.56 2.98
CA THR B 289 -10.61 7.62 2.68
C THR B 289 -11.96 8.31 2.85
N MET B 290 -12.08 9.11 3.90
CA MET B 290 -13.32 9.83 4.15
C MET B 290 -13.66 10.81 3.02
N SER B 291 -12.66 11.51 2.50
CA SER B 291 -12.82 12.48 1.41
C SER B 291 -13.32 11.81 0.12
N ASN B 292 -12.95 10.55 -0.09
CA ASN B 292 -13.40 9.84 -1.27
C ASN B 292 -14.82 9.32 -1.05
N ILE B 293 -15.31 9.40 0.18
CA ILE B 293 -16.65 8.91 0.44
C ILE B 293 -17.57 10.09 0.42
N THR B 294 -17.05 11.25 0.83
CA THR B 294 -17.84 12.47 0.83
C THR B 294 -17.92 13.02 -0.59
N ALA B 295 -17.21 12.36 -1.50
CA ALA B 295 -17.23 12.80 -2.89
C ALA B 295 -18.19 11.95 -3.71
N GLY B 296 -18.92 11.07 -3.02
CA GLY B 296 -19.87 10.20 -3.68
C GLY B 296 -21.31 10.69 -3.66
N ARG B 297 -22.25 9.76 -3.56
CA ARG B 297 -23.67 10.10 -3.53
C ARG B 297 -24.08 10.82 -2.25
N GLN B 298 -25.22 11.49 -2.31
CA GLN B 298 -25.74 12.20 -1.16
C GLN B 298 -26.24 11.23 -0.10
N ASP B 299 -26.72 10.07 -0.56
CA ASP B 299 -27.20 9.05 0.36
C ASP B 299 -26.00 8.42 1.03
N GLN B 300 -24.86 8.51 0.34
CA GLN B 300 -23.60 8.00 0.84
C GLN B 300 -23.03 9.07 1.75
N ILE B 301 -23.31 10.33 1.45
CA ILE B 301 -22.86 11.43 2.31
C ILE B 301 -23.70 11.31 3.59
N GLN B 302 -24.94 10.86 3.45
CA GLN B 302 -25.82 10.68 4.59
C GLN B 302 -25.28 9.63 5.55
N GLN B 303 -24.81 8.52 4.98
CA GLN B 303 -24.25 7.43 5.76
C GLN B 303 -23.13 7.94 6.65
N VAL B 304 -22.33 8.86 6.09
CA VAL B 304 -21.23 9.46 6.82
C VAL B 304 -21.82 10.31 7.94
N VAL B 305 -22.89 11.04 7.62
CA VAL B 305 -23.53 11.89 8.61
C VAL B 305 -24.14 11.05 9.73
N ASN B 306 -24.91 10.04 9.35
CA ASN B 306 -25.56 9.15 10.31
C ASN B 306 -24.65 8.45 11.27
N HIS B 307 -23.37 8.30 10.91
CA HIS B 307 -22.41 7.62 11.78
C HIS B 307 -21.74 8.61 12.71
N GLY B 308 -22.15 9.87 12.60
CA GLY B 308 -21.58 10.90 13.44
C GLY B 308 -20.11 11.11 13.16
N LEU B 309 -19.72 11.01 11.90
CA LEU B 309 -18.33 11.20 11.51
C LEU B 309 -18.05 12.65 11.17
N VAL B 310 -19.10 13.44 10.93
CA VAL B 310 -18.87 14.84 10.61
C VAL B 310 -18.12 15.49 11.77
N PRO B 311 -18.52 15.20 13.02
CA PRO B 311 -17.84 15.77 14.18
C PRO B 311 -16.37 15.35 14.18
N PHE B 312 -16.12 14.12 13.75
CA PHE B 312 -14.75 13.63 13.68
C PHE B 312 -13.95 14.38 12.66
N LEU B 313 -14.56 14.69 11.52
CA LEU B 313 -13.88 15.44 10.50
C LEU B 313 -13.58 16.83 11.05
N VAL B 314 -14.56 17.40 11.75
CA VAL B 314 -14.40 18.71 12.35
C VAL B 314 -13.18 18.64 13.25
N GLY B 315 -13.09 17.56 14.02
CA GLY B 315 -11.96 17.38 14.92
C GLY B 315 -10.63 17.31 14.19
N VAL B 316 -10.56 16.50 13.14
CA VAL B 316 -9.34 16.39 12.36
C VAL B 316 -9.01 17.74 11.70
N LEU B 317 -10.04 18.45 11.26
CA LEU B 317 -9.83 19.73 10.62
C LEU B 317 -9.30 20.76 11.60
N SER B 318 -9.55 20.53 12.88
CA SER B 318 -9.14 21.43 13.94
C SER B 318 -7.71 21.25 14.43
N LYS B 319 -7.38 20.03 14.82
CA LYS B 319 -6.05 19.73 15.33
C LYS B 319 -5.63 18.39 14.79
N ALA B 320 -4.52 18.39 14.05
CA ALA B 320 -3.99 17.17 13.49
C ALA B 320 -2.73 17.49 12.70
N ASP B 321 -2.13 16.46 12.10
CA ASP B 321 -0.95 16.67 11.29
C ASP B 321 -1.43 17.53 10.14
N PHE B 322 -0.56 18.34 9.54
CA PHE B 322 -1.03 19.17 8.44
C PHE B 322 -1.58 18.34 7.31
N LYS B 323 -0.84 17.31 6.91
CA LYS B 323 -1.26 16.44 5.82
C LYS B 323 -2.63 15.82 6.08
N THR B 324 -2.92 15.50 7.34
CA THR B 324 -4.21 14.93 7.69
C THR B 324 -5.27 15.99 7.51
N GLN B 325 -4.92 17.22 7.87
CA GLN B 325 -5.83 18.36 7.78
C GLN B 325 -6.14 18.74 6.35
N LYS B 326 -5.22 18.45 5.44
CA LYS B 326 -5.40 18.76 4.03
C LYS B 326 -6.43 17.77 3.47
N GLU B 327 -6.34 16.52 3.92
CA GLU B 327 -7.26 15.48 3.49
C GLU B 327 -8.62 15.83 4.07
N ALA B 328 -8.61 16.39 5.27
CA ALA B 328 -9.84 16.79 5.92
C ALA B 328 -10.42 17.90 5.05
N ALA B 329 -9.58 18.85 4.69
CA ALA B 329 -10.00 19.98 3.87
C ALA B 329 -10.77 19.42 2.66
N TRP B 330 -10.19 18.41 2.01
CA TRP B 330 -10.84 17.79 0.85
C TRP B 330 -12.17 17.15 1.24
N ALA B 331 -12.14 16.30 2.25
CA ALA B 331 -13.36 15.65 2.71
C ALA B 331 -14.48 16.67 2.81
N ILE B 332 -14.21 17.76 3.52
CA ILE B 332 -15.16 18.82 3.72
C ILE B 332 -15.54 19.51 2.41
N THR B 333 -14.53 19.73 1.56
CA THR B 333 -14.77 20.39 0.29
C THR B 333 -15.60 19.49 -0.64
N ASN B 334 -15.33 18.19 -0.64
CA ASN B 334 -16.07 17.24 -1.49
C ASN B 334 -17.51 17.13 -1.00
N TYR B 335 -17.66 17.08 0.31
CA TYR B 335 -18.97 16.99 0.95
C TYR B 335 -19.83 18.20 0.51
N THR B 336 -19.33 19.41 0.77
CA THR B 336 -20.04 20.64 0.43
C THR B 336 -20.21 20.74 -1.08
N SER B 337 -19.55 19.84 -1.79
CA SER B 337 -19.61 19.85 -3.24
C SER B 337 -20.86 19.16 -3.76
N GLY B 338 -21.18 17.98 -3.21
CA GLY B 338 -22.34 17.25 -3.66
C GLY B 338 -23.43 17.01 -2.64
N GLY B 339 -23.27 17.61 -1.46
CA GLY B 339 -24.26 17.44 -0.40
C GLY B 339 -25.51 18.29 -0.54
N THR B 340 -26.59 17.83 0.08
CA THR B 340 -27.86 18.54 0.04
C THR B 340 -27.73 19.78 0.91
N VAL B 341 -28.64 20.72 0.75
CA VAL B 341 -28.58 21.93 1.56
C VAL B 341 -28.65 21.52 3.02
N GLU B 342 -29.66 20.72 3.33
CA GLU B 342 -29.85 20.24 4.68
C GLU B 342 -28.55 19.70 5.31
N GLN B 343 -27.81 18.94 4.51
CA GLN B 343 -26.54 18.35 4.93
C GLN B 343 -25.44 19.39 5.07
N ILE B 344 -25.34 20.32 4.12
CA ILE B 344 -24.31 21.34 4.22
C ILE B 344 -24.62 22.23 5.41
N VAL B 345 -25.88 22.19 5.84
CA VAL B 345 -26.30 22.97 7.01
C VAL B 345 -25.73 22.26 8.25
N TYR B 346 -25.97 20.95 8.34
CA TYR B 346 -25.48 20.13 9.44
C TYR B 346 -23.98 20.39 9.66
N LEU B 347 -23.23 20.30 8.58
CA LEU B 347 -21.79 20.53 8.61
C LEU B 347 -21.42 21.80 9.38
N VAL B 348 -22.13 22.90 9.12
CA VAL B 348 -21.82 24.13 9.81
C VAL B 348 -22.32 24.09 11.25
N HIS B 349 -23.43 23.42 11.48
CA HIS B 349 -23.96 23.32 12.83
C HIS B 349 -22.99 22.51 13.68
N CYS B 350 -22.08 21.79 13.03
CA CYS B 350 -21.08 20.98 13.74
C CYS B 350 -19.81 21.75 14.07
N GLY B 351 -19.75 22.99 13.59
CA GLY B 351 -18.60 23.83 13.84
C GLY B 351 -17.51 23.71 12.80
N ILE B 352 -17.89 23.49 11.55
CA ILE B 352 -16.89 23.34 10.50
C ILE B 352 -16.30 24.69 10.10
N ILE B 353 -17.09 25.75 10.26
CA ILE B 353 -16.64 27.09 9.85
C ILE B 353 -15.36 27.59 10.50
N GLU B 354 -15.30 27.62 11.83
CA GLU B 354 -14.11 28.12 12.49
C GLU B 354 -12.80 27.39 12.15
N PRO B 355 -12.73 26.09 12.46
CA PRO B 355 -11.50 25.35 12.16
C PRO B 355 -11.10 25.44 10.68
N LEU B 356 -12.10 25.69 9.82
CA LEU B 356 -11.89 25.81 8.39
C LEU B 356 -11.18 27.13 8.06
N MET B 357 -11.61 28.21 8.71
CA MET B 357 -10.99 29.51 8.49
C MET B 357 -9.54 29.52 8.93
N ASN B 358 -9.29 29.03 10.14
CA ASN B 358 -7.94 28.99 10.67
C ASN B 358 -6.94 28.35 9.73
N LEU B 359 -7.41 27.43 8.89
CA LEU B 359 -6.53 26.77 7.95
C LEU B 359 -6.16 27.69 6.82
N LEU B 360 -6.92 28.77 6.66
CA LEU B 360 -6.62 29.72 5.60
C LEU B 360 -5.39 30.49 5.99
N SER B 361 -4.60 29.92 6.89
CA SER B 361 -3.38 30.58 7.33
C SER B 361 -2.14 29.80 6.91
N ALA B 362 -2.34 28.52 6.61
CA ALA B 362 -1.23 27.66 6.21
C ALA B 362 -0.62 28.10 4.87
N LYS B 363 0.67 27.85 4.72
CA LYS B 363 1.39 28.20 3.50
C LYS B 363 1.30 27.08 2.46
N ASP B 364 0.08 26.84 1.96
CA ASP B 364 -0.16 25.82 0.95
C ASP B 364 -1.25 26.35 0.07
N THR B 365 -0.86 26.99 -1.03
CA THR B 365 -1.84 27.56 -1.95
C THR B 365 -2.99 26.60 -2.28
N LYS B 366 -2.67 25.33 -2.49
CA LYS B 366 -3.71 24.35 -2.83
C LYS B 366 -4.81 24.21 -1.78
N ILE B 367 -4.42 24.03 -0.52
CA ILE B 367 -5.42 23.90 0.54
C ILE B 367 -6.22 25.19 0.66
N ILE B 368 -5.54 26.33 0.58
CA ILE B 368 -6.23 27.61 0.68
C ILE B 368 -7.28 27.66 -0.40
N GLN B 369 -7.00 26.98 -1.50
CA GLN B 369 -7.93 26.92 -2.60
C GLN B 369 -9.12 26.12 -2.12
N VAL B 370 -8.87 24.83 -1.92
CA VAL B 370 -9.89 23.88 -1.48
C VAL B 370 -10.84 24.44 -0.42
N ILE B 371 -10.29 25.14 0.57
CA ILE B 371 -11.10 25.74 1.64
C ILE B 371 -12.05 26.82 1.12
N LEU B 372 -11.48 27.83 0.45
CA LEU B 372 -12.26 28.92 -0.11
C LEU B 372 -13.35 28.29 -0.96
N ASP B 373 -12.95 27.26 -1.68
CA ASP B 373 -13.85 26.53 -2.55
C ASP B 373 -15.04 26.07 -1.75
N ALA B 374 -14.76 25.41 -0.62
CA ALA B 374 -15.79 24.90 0.27
C ALA B 374 -16.65 26.03 0.77
N ILE B 375 -16.02 27.17 1.03
CA ILE B 375 -16.76 28.32 1.51
C ILE B 375 -17.87 28.72 0.54
N SER B 376 -17.50 29.05 -0.69
CA SER B 376 -18.49 29.44 -1.67
C SER B 376 -19.60 28.39 -1.70
N ASN B 377 -19.22 27.12 -1.62
CA ASN B 377 -20.20 26.05 -1.63
C ASN B 377 -21.20 26.30 -0.53
N ILE B 378 -20.67 26.47 0.69
CA ILE B 378 -21.49 26.70 1.87
C ILE B 378 -22.34 27.95 1.68
N PHE B 379 -21.72 29.05 1.28
CA PHE B 379 -22.45 30.29 1.05
C PHE B 379 -23.59 30.04 0.09
N GLN B 380 -23.30 29.32 -0.98
CA GLN B 380 -24.31 29.00 -1.98
C GLN B 380 -25.53 28.35 -1.35
N ALA B 381 -25.33 27.30 -0.57
CA ALA B 381 -26.45 26.63 0.07
C ALA B 381 -27.12 27.60 1.02
N ALA B 382 -26.36 28.60 1.47
CA ALA B 382 -26.89 29.60 2.40
C ALA B 382 -27.85 30.54 1.70
N GLU B 383 -27.45 31.06 0.55
CA GLU B 383 -28.30 31.97 -0.21
C GLU B 383 -29.61 31.30 -0.64
N LYS B 384 -29.70 29.99 -0.46
CA LYS B 384 -30.92 29.26 -0.82
C LYS B 384 -31.84 29.35 0.40
N LEU B 385 -31.26 29.78 1.50
CA LEU B 385 -32.00 29.94 2.74
C LEU B 385 -31.93 31.42 3.17
N GLY B 386 -31.36 32.25 2.29
CA GLY B 386 -31.22 33.67 2.57
C GLY B 386 -30.31 33.92 3.75
N GLU B 387 -29.96 32.84 4.44
CA GLU B 387 -29.12 32.88 5.61
C GLU B 387 -27.77 33.58 5.44
N THR B 388 -27.26 33.55 4.21
CA THR B 388 -25.96 34.16 3.88
C THR B 388 -25.37 35.11 4.93
N GLU B 389 -26.09 36.18 5.24
CA GLU B 389 -25.59 37.15 6.23
C GLU B 389 -25.08 36.48 7.50
N LYS B 390 -25.85 35.53 8.05
CA LYS B 390 -25.41 34.84 9.26
C LYS B 390 -24.05 34.21 8.98
N LEU B 391 -23.97 33.46 7.88
CA LEU B 391 -22.74 32.82 7.47
C LEU B 391 -21.62 33.87 7.44
N SER B 392 -21.94 35.05 6.92
CA SER B 392 -20.97 36.14 6.85
C SER B 392 -20.54 36.48 8.27
N ILE B 393 -21.51 36.87 9.10
CA ILE B 393 -21.26 37.23 10.49
C ILE B 393 -20.30 36.22 11.07
N MET B 394 -20.73 34.96 11.05
CA MET B 394 -19.99 33.82 11.56
C MET B 394 -18.51 33.80 11.17
N ILE B 395 -18.24 33.84 9.87
CA ILE B 395 -16.87 33.84 9.37
C ILE B 395 -16.15 35.09 9.86
N GLU B 396 -16.91 36.16 10.05
CA GLU B 396 -16.32 37.40 10.52
C GLU B 396 -16.03 37.30 12.02
N GLU B 397 -16.84 36.51 12.72
CA GLU B 397 -16.71 36.31 14.15
C GLU B 397 -15.40 35.63 14.53
N CYS B 398 -14.99 34.65 13.74
CA CYS B 398 -13.76 33.91 14.02
C CYS B 398 -12.58 34.37 13.19
N GLY B 399 -12.62 35.62 12.72
CA GLY B 399 -11.52 36.17 11.94
C GLY B 399 -11.29 35.61 10.55
N GLY B 400 -12.31 34.96 10.00
CA GLY B 400 -12.20 34.39 8.68
C GLY B 400 -12.20 35.47 7.63
N LEU B 401 -13.05 36.49 7.82
CA LEU B 401 -13.11 37.60 6.89
C LEU B 401 -11.74 38.23 6.69
N ASP B 402 -10.99 38.37 7.77
CA ASP B 402 -9.66 38.94 7.71
C ASP B 402 -8.73 38.14 6.81
N LYS B 403 -8.77 36.81 6.94
CA LYS B 403 -7.93 35.93 6.14
C LYS B 403 -8.38 35.91 4.67
N ILE B 404 -9.67 36.05 4.45
CA ILE B 404 -10.21 36.05 3.09
C ILE B 404 -9.87 37.34 2.36
N GLU B 405 -10.18 38.46 3.01
CA GLU B 405 -9.94 39.80 2.48
C GLU B 405 -8.44 40.05 2.38
N ALA B 406 -7.67 39.18 3.03
CA ALA B 406 -6.22 39.24 3.01
C ALA B 406 -5.80 38.44 1.78
N LEU B 407 -6.30 37.20 1.70
CA LEU B 407 -6.02 36.31 0.57
C LEU B 407 -6.35 37.03 -0.73
N GLN B 408 -7.34 37.91 -0.67
CA GLN B 408 -7.80 38.72 -1.79
C GLN B 408 -6.60 39.36 -2.50
N ARG B 409 -5.50 39.47 -1.76
CA ARG B 409 -4.25 40.05 -2.23
C ARG B 409 -3.16 38.99 -2.19
N HIS B 410 -3.49 37.82 -2.72
CA HIS B 410 -2.56 36.68 -2.77
C HIS B 410 -1.88 36.71 -4.13
N GLU B 411 -0.79 35.97 -4.28
CA GLU B 411 -0.07 35.92 -5.54
C GLU B 411 -0.64 34.92 -6.54
N ASN B 412 -1.19 33.82 -6.03
CA ASN B 412 -1.79 32.84 -6.94
C ASN B 412 -2.96 33.57 -7.59
N GLU B 413 -3.07 33.45 -8.91
CA GLU B 413 -4.15 34.12 -9.64
C GLU B 413 -5.53 33.67 -9.15
N SER B 414 -5.76 32.36 -9.15
CA SER B 414 -7.05 31.78 -8.71
C SER B 414 -7.43 32.13 -7.28
N VAL B 415 -6.45 32.05 -6.37
CA VAL B 415 -6.69 32.38 -4.98
C VAL B 415 -7.31 33.75 -4.79
N TYR B 416 -6.50 34.80 -4.98
CA TYR B 416 -6.99 36.17 -4.81
C TYR B 416 -8.28 36.42 -5.58
N LYS B 417 -8.51 35.64 -6.64
CA LYS B 417 -9.72 35.78 -7.46
C LYS B 417 -10.96 35.22 -6.73
N ALA B 418 -10.86 34.00 -6.21
CA ALA B 418 -11.97 33.38 -5.49
C ALA B 418 -12.25 34.16 -4.21
N SER B 419 -11.18 34.60 -3.56
CA SER B 419 -11.30 35.36 -2.33
C SER B 419 -11.91 36.73 -2.60
N LEU B 420 -11.37 37.42 -3.59
CA LEU B 420 -11.87 38.74 -3.95
C LEU B 420 -13.37 38.68 -4.24
N ASN B 421 -13.79 37.67 -5.00
CA ASN B 421 -15.21 37.52 -5.32
C ASN B 421 -16.01 37.31 -4.03
N LEU B 422 -15.51 36.42 -3.18
CA LEU B 422 -16.18 36.15 -1.91
C LEU B 422 -16.44 37.46 -1.19
N ILE B 423 -15.40 38.27 -1.08
CA ILE B 423 -15.51 39.56 -0.41
C ILE B 423 -16.62 40.42 -1.02
N GLU B 424 -16.46 40.81 -2.28
CA GLU B 424 -17.48 41.63 -2.89
C GLU B 424 -18.85 40.98 -2.82
N LYS B 425 -18.97 39.79 -3.39
CA LYS B 425 -20.24 39.08 -3.42
C LYS B 425 -20.83 38.72 -2.05
N TYR B 426 -20.02 38.78 -0.98
CA TYR B 426 -20.50 38.40 0.35
C TYR B 426 -19.88 39.14 1.54
N PHE B 427 -19.04 40.14 1.32
CA PHE B 427 -18.39 40.74 2.50
C PHE B 427 -18.17 42.21 2.85
N SER B 428 -17.42 42.30 3.97
CA SER B 428 -16.97 43.50 4.69
C SER B 428 -18.04 44.02 5.66
#